data_5O58
#
_entry.id   5O58
#
_cell.length_a   70.370
_cell.length_b   88.340
_cell.length_c   124.270
_cell.angle_alpha   90.00
_cell.angle_beta   90.00
_cell.angle_gamma   90.00
#
_symmetry.space_group_name_H-M   'C 2 2 21'
#
loop_
_entity.id
_entity.type
_entity.pdbx_description
1 polymer 'phosphodiesterase TM1595'
2 polymer "RNA (5'-R(P*AP*G)-3')"
3 non-polymer 1,2-ETHANEDIOL
4 non-polymer 'ISOPROPYL ALCOHOL'
5 non-polymer 'CHLORIDE ION'
6 water water
#
loop_
_entity_poly.entity_id
_entity_poly.type
_entity_poly.pdbx_seq_one_letter_code
_entity_poly.pdbx_strand_id
1 'polypeptide(L)'
;GSGSGMDEIVKVLSQHDRILVVGHIMPDGDCVSSVLSLTLGLEKLGKEVKAAVDYKIPYVFEKFPYIDKIEENPNFDPEL
LVVVNASSPDRIGKFQDLLDKVPSVVIDHHSTNTNFGNWNWVDPSFAATAQMIFRINKALGVEYDSNLATLNYLGIATNT
GFFRHSNADVRVFEDAYKLVKMGADAHFVAKEILENKRFEQFKLFAEVLERLQLLENGKIAYSYIDYDTYLRHNCTDEDS
AGFVGELRSIRGVEVAVLFMEFPRGKIHVSMRSKDWFNVNEVAFELGGGGHPRAAGVTFEGKKIEEVIPRVINHLLKKFK
EGVESESEKIPEGDVLGG
;
A
2 'polyribonucleotide' AG B
#
# COMPACT_ATOMS: atom_id res chain seq x y z
N GLY A 3 5.84 13.78 15.99
CA GLY A 3 4.70 13.26 16.72
C GLY A 3 5.09 12.21 17.73
N SER A 4 4.13 11.36 18.10
CA SER A 4 4.43 10.28 19.04
C SER A 4 5.37 9.27 18.41
N GLY A 5 6.28 8.74 19.21
CA GLY A 5 7.11 7.63 18.80
C GLY A 5 6.45 6.31 19.10
N MET A 6 7.19 5.23 18.85
CA MET A 6 6.65 3.91 19.09
C MET A 6 6.33 3.68 20.56
N ASP A 7 7.18 4.17 21.46
CA ASP A 7 6.98 3.87 22.88
C ASP A 7 5.63 4.37 23.37
N GLU A 8 5.20 5.54 22.90
CA GLU A 8 3.91 6.07 23.29
C GLU A 8 2.77 5.22 22.74
N ILE A 9 2.89 4.76 21.49
CA ILE A 9 1.85 3.90 20.92
C ILE A 9 1.78 2.58 21.68
N VAL A 10 2.94 1.99 22.01
CA VAL A 10 2.95 0.76 22.77
C VAL A 10 2.24 0.95 24.10
N LYS A 11 2.46 2.09 24.75
CA LYS A 11 1.79 2.36 26.02
C LYS A 11 0.28 2.44 25.85
N VAL A 12 -0.18 3.18 24.84
CA VAL A 12 -1.61 3.32 24.61
C VAL A 12 -2.25 1.97 24.30
N LEU A 13 -1.59 1.16 23.44
CA LEU A 13 -2.13 -0.17 23.14
C LEU A 13 -2.20 -1.02 24.40
N SER A 14 -1.21 -0.90 25.29
N SER A 14 -1.21 -0.89 25.29
CA SER A 14 -1.21 -1.69 26.50
CA SER A 14 -1.21 -1.69 26.51
C SER A 14 -2.32 -1.31 27.46
C SER A 14 -2.36 -1.32 27.44
N GLN A 15 -2.86 -0.10 27.34
CA GLN A 15 -3.86 0.41 28.28
C GLN A 15 -5.30 0.10 27.88
N HIS A 16 -5.53 -0.51 26.73
CA HIS A 16 -6.88 -0.76 26.27
C HIS A 16 -7.01 -2.20 25.82
N ASP A 17 -8.12 -2.85 26.18
CA ASP A 17 -8.27 -4.27 25.89
C ASP A 17 -9.35 -4.59 24.88
N ARG A 18 -10.16 -3.62 24.45
CA ARG A 18 -11.16 -3.83 23.42
C ARG A 18 -10.81 -2.90 22.26
N ILE A 19 -10.31 -3.47 21.18
CA ILE A 19 -9.64 -2.70 20.14
C ILE A 19 -10.22 -3.10 18.79
N LEU A 20 -10.53 -2.10 17.97
CA LEU A 20 -10.90 -2.32 16.57
C LEU A 20 -9.73 -1.86 15.70
N VAL A 21 -9.15 -2.80 14.94
CA VAL A 21 -8.07 -2.51 14.02
C VAL A 21 -8.65 -2.32 12.64
N VAL A 22 -8.37 -1.17 12.01
CA VAL A 22 -8.99 -0.81 10.74
C VAL A 22 -7.90 -0.52 9.71
N GLY A 23 -8.05 -1.10 8.52
CA GLY A 23 -7.22 -0.77 7.38
C GLY A 23 -7.97 0.04 6.36
N HIS A 24 -7.28 0.33 5.26
CA HIS A 24 -7.82 1.24 4.25
C HIS A 24 -8.54 0.48 3.13
N ILE A 25 -9.43 1.21 2.46
CA ILE A 25 -10.07 0.71 1.26
C ILE A 25 -9.03 0.48 0.18
N MET A 26 -9.40 -0.29 -0.83
CA MET A 26 -8.46 -0.85 -1.79
C MET A 26 -7.26 -1.44 -1.05
N PRO A 27 -7.49 -2.40 -0.15
CA PRO A 27 -6.40 -2.93 0.66
C PRO A 27 -5.34 -3.63 -0.20
N ASP A 28 -4.08 -3.42 0.15
CA ASP A 28 -2.95 -4.08 -0.50
C ASP A 28 -2.27 -5.04 0.49
N GLY A 29 -1.11 -5.57 0.08
CA GLY A 29 -0.39 -6.51 0.94
C GLY A 29 -0.03 -5.91 2.29
N ASP A 30 0.49 -4.69 2.30
CA ASP A 30 0.86 -4.06 3.58
C ASP A 30 -0.37 -3.81 4.45
N CYS A 31 -1.50 -3.46 3.83
CA CYS A 31 -2.72 -3.29 4.63
C CYS A 31 -3.12 -4.61 5.29
N VAL A 32 -3.24 -5.67 4.49
CA VAL A 32 -3.66 -6.97 5.04
C VAL A 32 -2.65 -7.44 6.09
N SER A 33 -1.37 -7.31 5.77
CA SER A 33 -0.30 -7.72 6.68
C SER A 33 -0.36 -6.96 7.99
N SER A 34 -0.51 -5.63 7.93
CA SER A 34 -0.52 -4.82 9.14
C SER A 34 -1.78 -5.05 9.96
N VAL A 35 -2.94 -5.12 9.31
CA VAL A 35 -4.17 -5.37 10.03
C VAL A 35 -4.09 -6.70 10.77
N LEU A 36 -3.75 -7.78 10.06
CA LEU A 36 -3.77 -9.09 10.68
C LEU A 36 -2.64 -9.28 11.67
N SER A 37 -1.45 -8.75 11.38
CA SER A 37 -0.34 -8.94 12.32
C SER A 37 -0.61 -8.23 13.64
N LEU A 38 -1.19 -7.04 13.58
CA LEU A 38 -1.50 -6.32 14.82
C LEU A 38 -2.69 -6.95 15.53
N THR A 39 -3.73 -7.33 14.78
CA THR A 39 -4.89 -7.96 15.41
C THR A 39 -4.48 -9.23 16.14
N LEU A 40 -3.72 -10.10 15.48
N LEU A 40 -3.74 -10.10 15.47
CA LEU A 40 -3.35 -11.37 16.11
CA LEU A 40 -3.33 -11.36 16.10
C LEU A 40 -2.35 -11.15 17.24
C LEU A 40 -2.38 -11.12 17.26
N GLY A 41 -1.43 -10.20 17.08
CA GLY A 41 -0.50 -9.88 18.16
C GLY A 41 -1.22 -9.40 19.41
N LEU A 42 -2.18 -8.50 19.23
CA LEU A 42 -2.94 -8.00 20.38
C LEU A 42 -3.76 -9.11 21.01
N GLU A 43 -4.32 -10.01 20.20
CA GLU A 43 -5.08 -11.13 20.74
C GLU A 43 -4.20 -12.07 21.55
N LYS A 44 -2.92 -12.22 21.18
CA LYS A 44 -2.03 -13.05 21.98
C LYS A 44 -1.76 -12.44 23.35
N LEU A 45 -1.96 -11.13 23.51
CA LEU A 45 -1.93 -10.49 24.82
C LEU A 45 -3.23 -10.66 25.59
N GLY A 46 -4.19 -11.38 25.03
CA GLY A 46 -5.46 -11.65 25.67
C GLY A 46 -6.53 -10.62 25.36
N LYS A 47 -6.26 -9.66 24.49
CA LYS A 47 -7.21 -8.59 24.25
C LYS A 47 -8.32 -9.03 23.30
N GLU A 48 -9.47 -8.37 23.40
CA GLU A 48 -10.59 -8.60 22.52
C GLU A 48 -10.45 -7.64 21.33
N VAL A 49 -10.23 -8.21 20.14
CA VAL A 49 -9.82 -7.43 18.98
C VAL A 49 -10.62 -7.90 17.78
N LYS A 50 -11.20 -6.95 17.05
CA LYS A 50 -11.76 -7.22 15.74
CA LYS A 50 -11.75 -7.23 15.74
C LYS A 50 -10.98 -6.42 14.71
N ALA A 51 -11.01 -6.90 13.48
CA ALA A 51 -10.32 -6.30 12.35
C ALA A 51 -11.36 -5.93 11.30
N ALA A 52 -11.16 -4.81 10.61
CA ALA A 52 -12.17 -4.38 9.64
C ALA A 52 -11.54 -3.59 8.51
N VAL A 53 -12.09 -3.79 7.31
CA VAL A 53 -11.77 -3.02 6.11
C VAL A 53 -13.09 -2.80 5.36
N ASP A 54 -13.39 -1.55 5.02
CA ASP A 54 -14.64 -1.22 4.33
C ASP A 54 -14.48 -1.39 2.83
N TYR A 55 -14.17 -2.63 2.44
CA TYR A 55 -13.85 -2.92 1.05
C TYR A 55 -13.72 -4.43 0.88
N LYS A 56 -14.01 -4.89 -0.34
CA LYS A 56 -13.78 -6.28 -0.68
C LYS A 56 -12.29 -6.59 -0.61
N ILE A 57 -11.98 -7.75 -0.05
CA ILE A 57 -10.59 -8.20 0.04
C ILE A 57 -10.21 -8.84 -1.30
N PRO A 58 -9.12 -8.42 -1.93
CA PRO A 58 -8.72 -9.00 -3.22
C PRO A 58 -8.53 -10.51 -3.14
N TYR A 59 -8.82 -11.18 -4.28
CA TYR A 59 -8.83 -12.64 -4.30
C TYR A 59 -7.47 -13.23 -3.94
N VAL A 60 -6.37 -12.51 -4.20
CA VAL A 60 -5.05 -13.09 -3.94
C VAL A 60 -4.82 -13.35 -2.46
N PHE A 61 -5.66 -12.81 -1.58
CA PHE A 61 -5.49 -13.02 -0.15
C PHE A 61 -6.33 -14.16 0.40
N GLU A 62 -7.14 -14.83 -0.45
CA GLU A 62 -8.18 -15.71 0.06
C GLU A 62 -7.63 -16.94 0.78
N LYS A 63 -6.42 -17.38 0.49
CA LYS A 63 -5.88 -18.57 1.17
C LYS A 63 -5.00 -18.22 2.36
N PHE A 64 -4.86 -16.94 2.69
CA PHE A 64 -3.97 -16.58 3.77
C PHE A 64 -4.58 -16.96 5.12
N PRO A 65 -3.77 -17.41 6.06
CA PRO A 65 -4.31 -17.79 7.37
C PRO A 65 -5.02 -16.61 8.02
N TYR A 66 -6.22 -16.87 8.55
CA TYR A 66 -7.03 -15.92 9.30
C TYR A 66 -7.52 -14.74 8.45
N ILE A 67 -7.51 -14.86 7.13
CA ILE A 67 -7.99 -13.74 6.33
C ILE A 67 -9.45 -13.43 6.63
N ASP A 68 -10.23 -14.44 7.05
CA ASP A 68 -11.63 -14.20 7.37
C ASP A 68 -11.83 -13.39 8.63
N LYS A 69 -10.76 -13.18 9.41
CA LYS A 69 -10.85 -12.29 10.57
C LYS A 69 -11.12 -10.84 10.18
N ILE A 70 -10.79 -10.44 8.96
CA ILE A 70 -11.10 -9.08 8.51
C ILE A 70 -12.57 -9.01 8.11
N GLU A 71 -13.33 -8.18 8.80
CA GLU A 71 -14.77 -8.06 8.62
C GLU A 71 -15.12 -6.77 7.87
N GLU A 72 -16.27 -6.80 7.21
CA GLU A 72 -16.83 -5.58 6.63
C GLU A 72 -17.82 -4.90 7.57
N ASN A 73 -18.56 -5.69 8.36
CA ASN A 73 -19.56 -5.14 9.30
C ASN A 73 -19.32 -5.69 10.69
N PRO A 74 -18.26 -5.24 11.35
CA PRO A 74 -18.05 -5.66 12.75
C PRO A 74 -19.15 -5.12 13.65
N ASN A 75 -19.72 -6.00 14.46
CA ASN A 75 -20.66 -5.61 15.50
C ASN A 75 -19.86 -5.58 16.80
N PHE A 76 -19.50 -4.37 17.23
CA PHE A 76 -18.41 -4.22 18.19
C PHE A 76 -18.46 -2.82 18.79
N ASP A 77 -18.16 -2.74 20.08
CA ASP A 77 -18.10 -1.47 20.82
C ASP A 77 -16.68 -1.30 21.34
N PRO A 78 -15.76 -0.82 20.52
CA PRO A 78 -14.35 -0.76 20.93
C PRO A 78 -14.06 0.43 21.84
N GLU A 79 -13.05 0.26 22.69
CA GLU A 79 -12.49 1.34 23.50
CA GLU A 79 -12.58 1.40 23.45
C GLU A 79 -11.43 2.13 22.76
N LEU A 80 -10.86 1.54 21.71
CA LEU A 80 -9.75 2.14 21.00
C LEU A 80 -9.86 1.72 19.55
N LEU A 81 -9.70 2.69 18.66
CA LEU A 81 -9.62 2.45 17.22
C LEU A 81 -8.15 2.56 16.83
N VAL A 82 -7.63 1.55 16.14
CA VAL A 82 -6.26 1.58 15.66
C VAL A 82 -6.31 1.49 14.14
N VAL A 83 -5.89 2.55 13.47
CA VAL A 83 -5.93 2.65 12.01
C VAL A 83 -4.51 2.44 11.50
N VAL A 84 -4.32 1.46 10.59
CA VAL A 84 -2.99 1.09 10.13
C VAL A 84 -2.89 1.30 8.61
N ASN A 85 -1.77 1.90 8.20
CA ASN A 85 -1.37 2.05 6.80
C ASN A 85 -2.27 2.99 6.01
N ALA A 86 -3.11 3.77 6.68
CA ALA A 86 -4.04 4.68 6.02
C ALA A 86 -3.59 6.11 6.28
N SER A 87 -3.42 6.87 5.21
CA SER A 87 -2.84 8.21 5.27
CA SER A 87 -2.82 8.20 5.35
C SER A 87 -3.83 9.29 5.70
N SER A 88 -5.13 9.03 5.56
CA SER A 88 -6.12 10.08 5.82
C SER A 88 -7.45 9.42 6.14
N PRO A 89 -8.36 10.15 6.83
CA PRO A 89 -9.62 9.52 7.27
C PRO A 89 -10.47 8.99 6.13
N ASP A 90 -10.49 9.67 4.98
CA ASP A 90 -11.30 9.17 3.86
C ASP A 90 -10.87 7.78 3.43
N ARG A 91 -9.62 7.41 3.69
CA ARG A 91 -9.11 6.12 3.21
C ARG A 91 -9.67 4.93 3.98
N ILE A 92 -10.35 5.14 5.11
CA ILE A 92 -10.91 4.01 5.85
C ILE A 92 -12.42 3.90 5.67
N GLY A 93 -12.99 4.64 4.72
CA GLY A 93 -14.38 4.42 4.38
C GLY A 93 -15.30 4.76 5.54
N LYS A 94 -16.30 3.91 5.75
CA LYS A 94 -17.34 4.23 6.71
C LYS A 94 -16.81 4.29 8.14
N PHE A 95 -15.66 3.67 8.41
CA PHE A 95 -15.15 3.67 9.78
C PHE A 95 -14.61 5.04 10.21
N GLN A 96 -14.48 6.01 9.30
CA GLN A 96 -14.08 7.34 9.73
C GLN A 96 -15.07 7.96 10.70
N ASP A 97 -16.33 7.51 10.69
CA ASP A 97 -17.31 8.01 11.65
C ASP A 97 -16.89 7.72 13.08
N LEU A 98 -16.15 6.63 13.30
CA LEU A 98 -15.71 6.28 14.65
C LEU A 98 -14.69 7.26 15.19
N LEU A 99 -14.01 8.03 14.34
CA LEU A 99 -13.01 8.97 14.83
C LEU A 99 -13.62 10.03 15.72
N ASP A 100 -14.92 10.28 15.59
CA ASP A 100 -15.63 11.25 16.41
C ASP A 100 -16.06 10.68 17.75
N LYS A 101 -15.99 9.37 17.93
CA LYS A 101 -16.56 8.71 19.11
C LYS A 101 -15.56 7.91 19.92
N VAL A 102 -14.51 7.39 19.30
CA VAL A 102 -13.60 6.42 19.90
C VAL A 102 -12.21 6.99 19.86
N PRO A 103 -11.46 7.01 20.97
CA PRO A 103 -10.04 7.41 20.92
C PRO A 103 -9.29 6.56 19.89
N SER A 104 -8.37 7.20 19.17
CA SER A 104 -7.78 6.58 18.00
C SER A 104 -6.27 6.67 17.99
N VAL A 105 -5.66 5.61 17.45
CA VAL A 105 -4.22 5.49 17.23
C VAL A 105 -4.01 5.34 15.73
N VAL A 106 -3.04 6.05 15.17
CA VAL A 106 -2.63 5.90 13.77
C VAL A 106 -1.21 5.37 13.73
N ILE A 107 -0.99 4.33 12.92
CA ILE A 107 0.34 3.77 12.69
C ILE A 107 0.52 3.66 11.19
N ASP A 108 1.55 4.32 10.65
CA ASP A 108 1.66 4.43 9.20
C ASP A 108 3.09 4.79 8.80
N HIS A 109 3.45 4.47 7.58
CA HIS A 109 4.72 4.80 7.02
C HIS A 109 4.62 5.86 5.92
N HIS A 110 3.42 6.32 5.61
CA HIS A 110 3.25 7.27 4.53
C HIS A 110 3.60 8.68 5.00
N SER A 111 4.46 9.36 4.25
CA SER A 111 4.84 10.73 4.63
C SER A 111 3.68 11.71 4.47
N THR A 112 2.64 11.33 3.72
CA THR A 112 1.46 12.17 3.55
C THR A 112 0.43 12.02 4.66
N ASN A 113 0.71 11.21 5.69
CA ASN A 113 -0.29 10.99 6.73
C ASN A 113 -0.71 12.31 7.38
N THR A 114 -2.02 12.50 7.54
CA THR A 114 -2.53 13.76 8.08
C THR A 114 -2.52 13.79 9.61
N ASN A 115 -1.98 12.75 10.26
CA ASN A 115 -1.92 12.65 11.72
C ASN A 115 -3.30 12.85 12.35
N PHE A 116 -4.25 12.03 11.91
CA PHE A 116 -5.65 12.22 12.26
C PHE A 116 -6.09 11.46 13.50
N GLY A 117 -5.18 10.70 14.13
CA GLY A 117 -5.52 10.04 15.37
C GLY A 117 -5.28 10.93 16.59
N ASN A 118 -5.76 10.46 17.74
CA ASN A 118 -5.37 11.09 19.00
C ASN A 118 -3.88 10.88 19.26
N TRP A 119 -3.36 9.70 18.89
CA TRP A 119 -1.95 9.40 18.96
C TRP A 119 -1.52 8.92 17.59
N ASN A 120 -0.37 9.37 17.11
CA ASN A 120 0.07 9.09 15.75
C ASN A 120 1.54 8.69 15.78
N TRP A 121 1.86 7.51 15.22
CA TRP A 121 3.25 7.12 14.99
C TRP A 121 3.40 6.93 13.48
N VAL A 122 4.11 7.87 12.85
CA VAL A 122 4.31 7.90 11.41
C VAL A 122 5.79 7.98 11.16
N ASP A 123 6.35 6.97 10.50
CA ASP A 123 7.78 6.87 10.27
C ASP A 123 8.00 6.51 8.80
N PRO A 124 8.22 7.50 7.94
CA PRO A 124 8.38 7.23 6.52
C PRO A 124 9.70 6.59 6.15
N SER A 125 10.58 6.31 7.11
CA SER A 125 11.81 5.58 6.79
C SER A 125 11.57 4.09 6.65
N PHE A 126 10.41 3.56 7.07
CA PHE A 126 10.10 2.15 6.89
C PHE A 126 9.50 1.92 5.51
N ALA A 127 9.86 0.79 4.91
CA ALA A 127 9.26 0.41 3.63
C ALA A 127 7.79 0.03 3.80
N ALA A 128 7.45 -0.53 4.96
CA ALA A 128 6.12 -1.07 5.17
C ALA A 128 5.63 -0.77 6.58
N THR A 129 4.35 -0.41 6.68
CA THR A 129 3.73 -0.33 8.00
C THR A 129 3.88 -1.64 8.75
N ALA A 130 3.94 -2.76 8.02
CA ALA A 130 4.12 -4.06 8.65
C ALA A 130 5.40 -4.11 9.48
N GLN A 131 6.44 -3.36 9.09
CA GLN A 131 7.66 -3.35 9.88
C GLN A 131 7.45 -2.64 11.20
N MET A 132 6.55 -1.65 11.21
CA MET A 132 6.24 -0.94 12.44
C MET A 132 5.40 -1.82 13.36
N ILE A 133 4.46 -2.59 12.79
CA ILE A 133 3.69 -3.55 13.57
C ILE A 133 4.60 -4.62 14.18
N PHE A 134 5.58 -5.10 13.41
CA PHE A 134 6.53 -6.09 13.92
C PHE A 134 7.22 -5.57 15.17
N ARG A 135 7.68 -4.32 15.13
CA ARG A 135 8.36 -3.74 16.28
C ARG A 135 7.42 -3.51 17.45
N ILE A 136 6.18 -3.10 17.19
CA ILE A 136 5.19 -2.92 18.27
C ILE A 136 4.89 -4.26 18.94
N ASN A 137 4.68 -5.31 18.14
CA ASN A 137 4.40 -6.61 18.74
C ASN A 137 5.56 -7.07 19.60
N LYS A 138 6.80 -6.91 19.11
CA LYS A 138 7.95 -7.30 19.92
C LYS A 138 8.02 -6.48 21.21
N ALA A 139 7.79 -5.16 21.13
CA ALA A 139 7.84 -4.31 22.31
C ALA A 139 6.77 -4.71 23.32
N LEU A 140 5.64 -5.21 22.85
CA LEU A 140 4.55 -5.62 23.73
C LEU A 140 4.78 -6.99 24.37
N GLY A 141 5.74 -7.76 23.87
CA GLY A 141 6.03 -9.09 24.39
C GLY A 141 5.43 -10.21 23.60
N VAL A 142 4.83 -9.91 22.44
CA VAL A 142 4.25 -10.95 21.60
C VAL A 142 5.33 -11.92 21.14
N GLU A 143 5.02 -13.21 21.15
CA GLU A 143 5.89 -14.22 20.54
C GLU A 143 5.19 -14.75 19.29
N TYR A 144 5.93 -14.78 18.18
CA TYR A 144 5.33 -15.20 16.92
C TYR A 144 5.31 -16.72 16.79
N ASP A 145 4.30 -17.24 16.09
CA ASP A 145 4.34 -18.57 15.49
C ASP A 145 4.45 -18.41 13.97
N SER A 146 4.49 -19.53 13.25
N SER A 146 4.49 -19.53 13.27
CA SER A 146 4.73 -19.47 11.81
CA SER A 146 4.72 -19.49 11.82
C SER A 146 3.63 -18.70 11.10
C SER A 146 3.63 -18.71 11.10
N ASN A 147 2.38 -18.87 11.52
CA ASN A 147 1.27 -18.17 10.87
C ASN A 147 1.43 -16.65 11.02
N LEU A 148 1.73 -16.18 12.23
CA LEU A 148 1.90 -14.75 12.43
C LEU A 148 3.13 -14.24 11.69
N ALA A 149 4.20 -15.05 11.65
CA ALA A 149 5.39 -14.66 10.89
C ALA A 149 5.07 -14.51 9.41
N THR A 150 4.32 -15.46 8.85
CA THR A 150 3.92 -15.35 7.45
C THR A 150 3.12 -14.09 7.20
N LEU A 151 2.15 -13.81 8.07
CA LEU A 151 1.30 -12.64 7.87
C LEU A 151 2.07 -11.34 7.98
N ASN A 152 3.09 -11.28 8.86
CA ASN A 152 3.89 -10.07 8.99
C ASN A 152 4.90 -9.95 7.85
N TYR A 153 5.40 -11.08 7.33
CA TYR A 153 6.29 -11.06 6.18
C TYR A 153 5.62 -10.45 4.96
N LEU A 154 4.32 -10.70 4.79
CA LEU A 154 3.58 -10.30 3.59
C LEU A 154 3.82 -8.83 3.22
N GLY A 155 3.62 -7.91 4.17
CA GLY A 155 3.70 -6.49 3.83
C GLY A 155 5.12 -6.01 3.54
N ILE A 156 6.11 -6.61 4.21
CA ILE A 156 7.50 -6.30 3.88
C ILE A 156 7.85 -6.76 2.48
N ALA A 157 7.42 -7.97 2.12
CA ALA A 157 7.64 -8.45 0.76
C ALA A 157 6.93 -7.58 -0.27
N THR A 158 5.62 -7.32 -0.09
CA THR A 158 4.92 -6.62 -1.16
C THR A 158 5.41 -5.19 -1.34
N ASN A 159 5.70 -4.48 -0.24
CA ASN A 159 6.09 -3.09 -0.42
C ASN A 159 7.53 -2.91 -0.88
N THR A 160 8.35 -3.96 -0.88
CA THR A 160 9.67 -3.88 -1.48
C THR A 160 9.72 -4.54 -2.85
N GLY A 161 8.58 -4.93 -3.39
CA GLY A 161 8.56 -5.64 -4.66
C GLY A 161 9.26 -6.98 -4.52
N PHE A 162 9.10 -7.63 -3.38
CA PHE A 162 9.83 -8.86 -3.06
C PHE A 162 11.34 -8.63 -3.22
N PHE A 163 11.80 -7.61 -2.48
CA PHE A 163 13.22 -7.33 -2.22
C PHE A 163 13.96 -6.81 -3.45
N ARG A 164 13.24 -6.06 -4.28
CA ARG A 164 13.80 -5.53 -5.53
C ARG A 164 13.97 -4.02 -5.54
N HIS A 165 13.10 -3.28 -4.84
CA HIS A 165 13.09 -1.83 -4.99
C HIS A 165 14.20 -1.18 -4.17
N SER A 166 14.33 0.15 -4.33
CA SER A 166 15.40 0.89 -3.68
CA SER A 166 15.42 0.87 -3.68
C SER A 166 15.33 0.83 -2.15
N ASN A 167 14.15 0.52 -1.61
CA ASN A 167 13.96 0.42 -0.17
C ASN A 167 14.30 -0.94 0.40
N ALA A 168 14.80 -1.87 -0.43
CA ALA A 168 15.20 -3.19 0.06
C ALA A 168 16.61 -3.09 0.65
N ASP A 169 16.69 -2.56 1.87
CA ASP A 169 17.95 -2.25 2.52
C ASP A 169 18.22 -3.22 3.68
N VAL A 170 19.23 -2.91 4.49
CA VAL A 170 19.64 -3.87 5.51
CA VAL A 170 19.64 -3.85 5.53
C VAL A 170 18.50 -4.12 6.50
N ARG A 171 17.77 -3.07 6.89
CA ARG A 171 16.70 -3.27 7.85
C ARG A 171 15.59 -4.16 7.30
N VAL A 172 15.26 -4.02 6.01
CA VAL A 172 14.28 -4.89 5.39
C VAL A 172 14.76 -6.34 5.39
N PHE A 173 16.01 -6.56 5.00
CA PHE A 173 16.50 -7.93 4.96
C PHE A 173 16.64 -8.52 6.35
N GLU A 174 16.98 -7.69 7.34
CA GLU A 174 17.04 -8.18 8.71
C GLU A 174 15.66 -8.62 9.19
N ASP A 175 14.64 -7.78 8.95
CA ASP A 175 13.27 -8.13 9.33
C ASP A 175 12.82 -9.40 8.63
N ALA A 176 13.08 -9.51 7.32
CA ALA A 176 12.66 -10.70 6.58
C ALA A 176 13.36 -11.95 7.10
N TYR A 177 14.65 -11.86 7.35
CA TYR A 177 15.36 -13.02 7.89
C TYR A 177 14.80 -13.43 9.24
N LYS A 178 14.53 -12.45 10.12
CA LYS A 178 13.94 -12.77 11.41
C LYS A 178 12.62 -13.51 11.25
N LEU A 179 11.77 -13.03 10.34
CA LEU A 179 10.46 -13.64 10.17
C LEU A 179 10.56 -15.04 9.57
N VAL A 180 11.44 -15.22 8.58
CA VAL A 180 11.61 -16.54 7.98
C VAL A 180 12.19 -17.51 9.01
N LYS A 181 13.09 -17.04 9.86
CA LYS A 181 13.58 -17.89 10.94
C LYS A 181 12.47 -18.32 11.89
N MET A 182 11.45 -17.48 12.06
CA MET A 182 10.32 -17.80 12.92
C MET A 182 9.24 -18.57 12.19
N GLY A 183 9.50 -19.00 10.95
CA GLY A 183 8.59 -19.86 10.23
C GLY A 183 7.79 -19.20 9.12
N ALA A 184 8.07 -17.94 8.78
CA ALA A 184 7.35 -17.30 7.69
C ALA A 184 7.54 -18.11 6.41
N ASP A 185 6.42 -18.36 5.72
CA ASP A 185 6.42 -19.15 4.49
C ASP A 185 6.55 -18.20 3.31
N ALA A 186 7.81 -17.84 3.01
CA ALA A 186 8.09 -16.86 1.96
C ALA A 186 7.57 -17.35 0.62
N HIS A 187 7.70 -18.65 0.35
CA HIS A 187 7.26 -19.14 -0.94
C HIS A 187 5.74 -19.10 -1.07
N PHE A 188 5.02 -19.47 -0.01
CA PHE A 188 3.55 -19.35 -0.04
C PHE A 188 3.14 -17.94 -0.38
N VAL A 189 3.75 -16.94 0.27
CA VAL A 189 3.36 -15.56 0.04
C VAL A 189 3.59 -15.17 -1.41
N ALA A 190 4.76 -15.54 -1.97
CA ALA A 190 5.04 -15.20 -3.36
C ALA A 190 4.07 -15.90 -4.31
N LYS A 191 3.78 -17.18 -4.05
CA LYS A 191 2.88 -17.92 -4.92
C LYS A 191 1.49 -17.31 -4.93
N GLU A 192 0.94 -16.98 -3.75
CA GLU A 192 -0.43 -16.47 -3.70
C GLU A 192 -0.54 -15.08 -4.29
N ILE A 193 0.48 -14.23 -4.10
CA ILE A 193 0.40 -12.86 -4.56
C ILE A 193 0.75 -12.75 -6.05
N LEU A 194 1.73 -13.54 -6.51
CA LEU A 194 2.32 -13.31 -7.82
C LEU A 194 1.98 -14.37 -8.86
N GLU A 195 1.51 -15.55 -8.45
CA GLU A 195 1.24 -16.66 -9.37
C GLU A 195 -0.26 -16.93 -9.46
N ASN A 196 -1.03 -15.84 -9.49
CA ASN A 196 -2.48 -15.85 -9.43
C ASN A 196 -3.08 -14.99 -10.55
N LYS A 197 -2.45 -14.98 -11.72
CA LYS A 197 -2.86 -14.10 -12.80
C LYS A 197 -4.12 -14.61 -13.50
N ARG A 198 -5.03 -13.69 -13.80
CA ARG A 198 -6.16 -13.98 -14.68
C ARG A 198 -5.75 -13.79 -16.13
N PHE A 199 -6.27 -14.66 -17.01
CA PHE A 199 -6.06 -14.45 -18.44
C PHE A 199 -6.46 -13.06 -18.86
N GLU A 200 -7.56 -12.55 -18.31
CA GLU A 200 -8.01 -11.20 -18.62
C GLU A 200 -6.93 -10.17 -18.34
N GLN A 201 -6.04 -10.44 -17.37
CA GLN A 201 -4.97 -9.50 -17.07
C GLN A 201 -3.94 -9.44 -18.20
N PHE A 202 -3.65 -10.58 -18.83
CA PHE A 202 -2.77 -10.55 -20.00
C PHE A 202 -3.40 -9.73 -21.12
N LYS A 203 -4.70 -9.89 -21.34
CA LYS A 203 -5.36 -9.14 -22.41
C LYS A 203 -5.40 -7.65 -22.05
N LEU A 204 -5.62 -7.35 -20.77
CA LEU A 204 -5.62 -5.95 -20.35
C LEU A 204 -4.25 -5.31 -20.55
N PHE A 205 -3.17 -6.04 -20.21
CA PHE A 205 -1.85 -5.48 -20.43
C PHE A 205 -1.55 -5.32 -21.92
N ALA A 206 -2.09 -6.21 -22.77
CA ALA A 206 -1.93 -6.02 -24.21
C ALA A 206 -2.52 -4.69 -24.66
N GLU A 207 -3.66 -4.29 -24.08
CA GLU A 207 -4.24 -2.98 -24.37
C GLU A 207 -3.30 -1.86 -23.93
N VAL A 208 -2.66 -2.02 -22.77
CA VAL A 208 -1.68 -1.05 -22.31
C VAL A 208 -0.53 -0.94 -23.31
N LEU A 209 -0.02 -2.07 -23.80
CA LEU A 209 1.08 -1.98 -24.76
C LEU A 209 0.64 -1.33 -26.06
N GLU A 210 -0.59 -1.59 -26.49
CA GLU A 210 -1.09 -0.97 -27.72
C GLU A 210 -1.13 0.54 -27.63
N ARG A 211 -1.35 1.08 -26.43
CA ARG A 211 -1.45 2.52 -26.21
C ARG A 211 -0.14 3.14 -25.74
N LEU A 212 0.92 2.33 -25.58
CA LEU A 212 2.18 2.81 -25.05
C LEU A 212 2.80 3.89 -25.91
N GLN A 213 3.25 4.96 -25.28
CA GLN A 213 3.91 6.07 -25.96
C GLN A 213 5.25 6.32 -25.26
N LEU A 214 6.31 6.46 -26.04
CA LEU A 214 7.62 6.86 -25.53
C LEU A 214 7.87 8.34 -25.83
N LEU A 215 8.58 9.00 -24.90
CA LEU A 215 8.95 10.40 -25.06
C LEU A 215 10.41 10.56 -24.63
N GLU A 216 11.00 11.70 -24.99
CA GLU A 216 12.35 12.08 -24.53
C GLU A 216 13.38 11.00 -24.84
N ASN A 217 13.45 10.62 -26.12
CA ASN A 217 14.45 9.66 -26.60
C ASN A 217 14.37 8.33 -25.86
N GLY A 218 13.15 7.88 -25.58
CA GLY A 218 12.92 6.63 -24.91
C GLY A 218 13.03 6.64 -23.40
N LYS A 219 13.28 7.81 -22.78
CA LYS A 219 13.44 7.86 -21.33
C LYS A 219 12.14 7.92 -20.58
N ILE A 220 11.05 8.31 -21.23
CA ILE A 220 9.74 8.41 -20.59
C ILE A 220 8.80 7.47 -21.34
N ALA A 221 8.04 6.66 -20.60
CA ALA A 221 7.04 5.78 -21.17
C ALA A 221 5.71 6.02 -20.46
N TYR A 222 4.62 6.13 -21.22
CA TYR A 222 3.33 6.20 -20.55
C TYR A 222 2.26 5.48 -21.36
N SER A 223 1.19 5.09 -20.66
CA SER A 223 0.04 4.45 -21.29
C SER A 223 -1.17 4.72 -20.41
N TYR A 224 -2.31 4.13 -20.79
CA TYR A 224 -3.54 4.43 -20.04
C TYR A 224 -4.54 3.31 -20.23
N ILE A 225 -5.45 3.20 -19.26
CA ILE A 225 -6.58 2.28 -19.31
C ILE A 225 -7.81 3.12 -18.98
N ASP A 226 -8.68 3.33 -19.96
CA ASP A 226 -9.93 4.04 -19.70
C ASP A 226 -10.96 3.06 -19.13
N TYR A 227 -12.05 3.64 -18.61
CA TYR A 227 -13.02 2.81 -17.90
C TYR A 227 -13.64 1.74 -18.81
N ASP A 228 -14.00 2.10 -20.04
CA ASP A 228 -14.59 1.12 -20.94
C ASP A 228 -13.64 -0.04 -21.22
N THR A 229 -12.32 0.21 -21.19
CA THR A 229 -11.37 -0.85 -21.45
C THR A 229 -11.31 -1.84 -20.29
N TYR A 230 -11.40 -1.34 -19.05
CA TYR A 230 -11.55 -2.24 -17.92
C TYR A 230 -12.80 -3.10 -18.07
N LEU A 231 -13.92 -2.47 -18.42
CA LEU A 231 -15.17 -3.21 -18.57
C LEU A 231 -15.08 -4.25 -19.67
N ARG A 232 -14.45 -3.89 -20.80
CA ARG A 232 -14.35 -4.79 -21.94
C ARG A 232 -13.69 -6.10 -21.56
N HIS A 233 -12.81 -6.07 -20.55
CA HIS A 233 -12.03 -7.24 -20.16
C HIS A 233 -12.46 -7.81 -18.82
N ASN A 234 -13.63 -7.41 -18.31
CA ASN A 234 -14.13 -7.90 -17.02
C ASN A 234 -13.06 -7.71 -15.94
N CYS A 235 -12.52 -6.49 -15.89
CA CYS A 235 -11.45 -6.13 -14.97
C CYS A 235 -11.83 -4.90 -14.17
N THR A 236 -11.14 -4.71 -13.06
CA THR A 236 -11.16 -3.46 -12.30
C THR A 236 -9.71 -2.98 -12.16
N ASP A 237 -9.51 -1.91 -11.39
CA ASP A 237 -8.15 -1.46 -11.14
C ASP A 237 -7.37 -2.44 -10.25
N GLU A 238 -8.05 -3.42 -9.64
CA GLU A 238 -7.31 -4.51 -9.02
C GLU A 238 -6.44 -5.23 -10.04
N ASP A 239 -6.93 -5.36 -11.26
CA ASP A 239 -6.28 -6.21 -12.26
C ASP A 239 -5.07 -5.56 -12.91
N SER A 240 -4.90 -4.25 -12.78
CA SER A 240 -3.75 -3.56 -13.38
C SER A 240 -2.62 -3.36 -12.37
N ALA A 241 -2.72 -3.96 -11.19
CA ALA A 241 -1.63 -3.87 -10.22
C ALA A 241 -0.34 -4.35 -10.86
N GLY A 242 0.73 -3.56 -10.69
CA GLY A 242 2.03 -3.92 -11.20
C GLY A 242 2.28 -3.57 -12.66
N PHE A 243 1.24 -3.18 -13.41
CA PHE A 243 1.44 -2.87 -14.83
C PHE A 243 2.46 -1.76 -15.03
N VAL A 244 2.42 -0.71 -14.20
CA VAL A 244 3.33 0.40 -14.42
C VAL A 244 4.78 -0.02 -14.18
N GLY A 245 5.02 -0.94 -13.24
CA GLY A 245 6.37 -1.46 -13.08
C GLY A 245 6.87 -2.21 -14.29
N GLU A 246 5.96 -2.89 -15.01
CA GLU A 246 6.36 -3.53 -16.25
C GLU A 246 6.83 -2.52 -17.28
N LEU A 247 6.22 -1.32 -17.29
CA LEU A 247 6.68 -0.31 -18.24
C LEU A 247 8.03 0.27 -17.82
N ARG A 248 8.24 0.46 -16.51
CA ARG A 248 9.57 0.90 -16.08
C ARG A 248 10.62 -0.15 -16.43
N SER A 249 10.23 -1.41 -16.51
CA SER A 249 11.20 -2.48 -16.76
CA SER A 249 11.22 -2.46 -16.75
C SER A 249 11.74 -2.45 -18.17
N ILE A 250 11.24 -1.57 -19.04
CA ILE A 250 11.78 -1.47 -20.39
C ILE A 250 13.17 -0.86 -20.35
N ARG A 251 14.11 -1.50 -21.07
CA ARG A 251 15.49 -1.04 -21.11
C ARG A 251 15.56 0.42 -21.57
N GLY A 252 16.28 1.24 -20.83
CA GLY A 252 16.44 2.64 -21.17
C GLY A 252 15.36 3.57 -20.64
N VAL A 253 14.25 3.05 -20.16
CA VAL A 253 13.19 3.91 -19.60
C VAL A 253 13.61 4.37 -18.22
N GLU A 254 13.50 5.67 -17.98
CA GLU A 254 13.77 6.23 -16.65
C GLU A 254 12.50 6.49 -15.86
N VAL A 255 11.41 6.91 -16.51
CA VAL A 255 10.14 7.19 -15.84
CA VAL A 255 10.16 7.12 -15.80
C VAL A 255 9.03 6.52 -16.61
N ALA A 256 8.18 5.76 -15.92
CA ALA A 256 6.98 5.16 -16.49
C ALA A 256 5.75 5.72 -15.77
N VAL A 257 4.68 5.99 -16.51
CA VAL A 257 3.45 6.55 -15.97
C VAL A 257 2.27 5.79 -16.55
N LEU A 258 1.34 5.37 -15.70
CA LEU A 258 0.13 4.71 -16.16
C LEU A 258 -1.08 5.44 -15.61
N PHE A 259 -2.02 5.80 -16.50
CA PHE A 259 -3.25 6.52 -16.16
C PHE A 259 -4.39 5.52 -16.16
N MET A 260 -5.16 5.49 -15.07
CA MET A 260 -6.17 4.45 -14.87
C MET A 260 -7.49 5.07 -14.45
N GLU A 261 -8.53 4.87 -15.26
CA GLU A 261 -9.87 5.41 -14.98
C GLU A 261 -10.74 4.31 -14.41
N PHE A 262 -10.99 4.37 -13.09
CA PHE A 262 -11.86 3.41 -12.43
C PHE A 262 -12.23 3.89 -11.03
N PRO A 263 -13.51 4.08 -10.71
CA PRO A 263 -14.66 4.03 -11.65
C PRO A 263 -14.69 5.23 -12.59
N ARG A 264 -15.84 5.52 -13.20
CA ARG A 264 -15.90 6.58 -14.19
C ARG A 264 -15.47 7.92 -13.60
N GLY A 265 -14.58 8.61 -14.31
CA GLY A 265 -14.16 9.93 -13.89
C GLY A 265 -13.21 9.98 -12.71
N LYS A 266 -12.84 8.84 -12.14
CA LYS A 266 -11.79 8.77 -11.13
C LYS A 266 -10.53 8.34 -11.85
N ILE A 267 -9.55 9.22 -11.96
CA ILE A 267 -8.30 8.94 -12.67
C ILE A 267 -7.19 8.80 -11.66
N HIS A 268 -6.62 7.60 -11.56
CA HIS A 268 -5.42 7.42 -10.75
C HIS A 268 -4.20 7.43 -11.66
N VAL A 269 -3.17 8.15 -11.24
CA VAL A 269 -1.92 8.24 -11.98
C VAL A 269 -0.83 7.58 -11.16
N SER A 270 -0.25 6.50 -11.68
CA SER A 270 0.84 5.79 -11.03
CA SER A 270 0.83 5.77 -11.04
C SER A 270 2.14 6.08 -11.75
N MET A 271 3.17 6.47 -11.00
CA MET A 271 4.46 6.89 -11.53
C MET A 271 5.56 6.00 -10.96
N ARG A 272 6.53 5.61 -11.80
CA ARG A 272 7.67 4.81 -11.34
C ARG A 272 8.92 5.35 -12.01
N SER A 273 10.04 5.37 -11.29
CA SER A 273 11.29 5.78 -11.92
C SER A 273 12.40 4.81 -11.54
N LYS A 274 13.51 4.90 -12.27
CA LYS A 274 14.56 3.90 -12.24
C LYS A 274 15.82 4.37 -11.51
N ASP A 275 16.52 5.37 -12.03
CA ASP A 275 17.84 5.75 -11.51
C ASP A 275 17.88 7.07 -10.75
N TRP A 276 17.13 8.09 -11.17
CA TRP A 276 17.40 9.41 -10.60
C TRP A 276 16.17 10.33 -10.50
N PHE A 277 15.18 10.11 -11.34
CA PHE A 277 14.07 11.07 -11.45
C PHE A 277 13.14 10.91 -10.25
N ASN A 278 12.93 11.99 -9.50
CA ASN A 278 12.15 11.92 -8.26
C ASN A 278 10.68 12.11 -8.59
N VAL A 279 9.96 11.00 -8.77
CA VAL A 279 8.55 11.11 -9.13
C VAL A 279 7.69 11.59 -7.97
N ASN A 280 8.17 11.51 -6.72
CA ASN A 280 7.38 12.06 -5.62
C ASN A 280 7.27 13.57 -5.74
N GLU A 281 8.30 14.23 -6.27
CA GLU A 281 8.22 15.68 -6.42
C GLU A 281 7.18 16.06 -7.47
N VAL A 282 7.15 15.34 -8.60
CA VAL A 282 6.14 15.58 -9.62
C VAL A 282 4.74 15.28 -9.10
N ALA A 283 4.58 14.16 -8.38
CA ALA A 283 3.27 13.80 -7.81
C ALA A 283 2.79 14.85 -6.84
N PHE A 284 3.65 15.23 -5.90
CA PHE A 284 3.28 16.21 -4.89
C PHE A 284 2.84 17.51 -5.54
N GLU A 285 3.56 17.97 -6.57
CA GLU A 285 3.21 19.21 -7.25
C GLU A 285 1.84 19.12 -7.91
N LEU A 286 1.41 17.92 -8.27
CA LEU A 286 0.11 17.68 -8.90
C LEU A 286 -1.00 17.35 -7.91
N GLY A 287 -0.70 17.26 -6.62
CA GLY A 287 -1.71 16.97 -5.62
C GLY A 287 -1.65 15.61 -4.99
N GLY A 288 -0.60 14.84 -5.25
CA GLY A 288 -0.44 13.51 -4.69
C GLY A 288 0.81 13.40 -3.85
N GLY A 289 1.56 12.31 -4.02
CA GLY A 289 2.75 12.13 -3.23
C GLY A 289 3.28 10.71 -3.38
N GLY A 290 4.26 10.37 -2.55
CA GLY A 290 4.85 9.06 -2.58
C GLY A 290 6.34 9.07 -2.34
N HIS A 291 7.05 8.18 -3.02
CA HIS A 291 8.48 7.97 -2.84
C HIS A 291 9.25 8.43 -4.07
N PRO A 292 10.56 8.69 -3.93
CA PRO A 292 11.35 9.11 -5.09
C PRO A 292 11.22 8.22 -6.32
N ARG A 293 11.03 6.91 -6.14
CA ARG A 293 10.94 5.99 -7.27
C ARG A 293 9.54 5.45 -7.53
N ALA A 294 8.56 5.78 -6.68
CA ALA A 294 7.18 5.30 -6.90
C ALA A 294 6.21 6.24 -6.20
N ALA A 295 5.31 6.83 -6.97
CA ALA A 295 4.42 7.84 -6.41
C ALA A 295 3.16 7.92 -7.26
N GLY A 296 2.18 8.66 -6.78
CA GLY A 296 0.95 8.73 -7.54
C GLY A 296 0.12 9.94 -7.19
N VAL A 297 -0.94 10.12 -7.95
CA VAL A 297 -1.90 11.19 -7.69
C VAL A 297 -3.24 10.74 -8.25
N THR A 298 -4.33 11.19 -7.62
CA THR A 298 -5.67 10.76 -7.99
C THR A 298 -6.53 11.99 -8.23
N PHE A 299 -7.27 11.96 -9.34
CA PHE A 299 -8.17 13.05 -9.71
C PHE A 299 -9.60 12.54 -9.75
N GLU A 300 -10.52 13.38 -9.32
CA GLU A 300 -11.94 13.09 -9.35
C GLU A 300 -12.61 14.10 -10.27
N GLY A 301 -13.57 13.62 -11.05
CA GLY A 301 -14.37 14.52 -11.87
C GLY A 301 -13.69 15.08 -13.10
N LYS A 302 -12.68 14.38 -13.63
CA LYS A 302 -11.96 14.86 -14.82
C LYS A 302 -11.98 13.78 -15.90
N LYS A 303 -11.95 14.23 -17.15
CA LYS A 303 -11.81 13.31 -18.27
C LYS A 303 -10.40 12.76 -18.29
N ILE A 304 -10.24 11.48 -18.64
CA ILE A 304 -8.89 10.97 -18.80
C ILE A 304 -8.16 11.76 -19.89
N GLU A 305 -8.90 12.24 -20.89
CA GLU A 305 -8.35 13.08 -21.95
C GLU A 305 -7.83 14.42 -21.43
N GLU A 306 -8.30 14.90 -20.27
CA GLU A 306 -7.74 16.13 -19.72
C GLU A 306 -6.55 15.85 -18.80
N VAL A 307 -6.62 14.77 -18.02
CA VAL A 307 -5.58 14.48 -17.05
C VAL A 307 -4.27 14.13 -17.75
N ILE A 308 -4.33 13.32 -18.80
CA ILE A 308 -3.11 12.78 -19.41
C ILE A 308 -2.21 13.91 -19.89
N PRO A 309 -2.67 14.86 -20.72
CA PRO A 309 -1.73 15.87 -21.22
C PRO A 309 -1.26 16.83 -20.13
N ARG A 310 -2.06 17.08 -19.10
CA ARG A 310 -1.60 17.95 -18.02
C ARG A 310 -0.49 17.30 -17.22
N VAL A 311 -0.65 16.01 -16.90
CA VAL A 311 0.38 15.31 -16.15
C VAL A 311 1.64 15.16 -16.99
N ILE A 312 1.49 14.79 -18.25
CA ILE A 312 2.67 14.60 -19.11
C ILE A 312 3.40 15.93 -19.28
N ASN A 313 2.65 17.03 -19.41
CA ASN A 313 3.31 18.33 -19.54
C ASN A 313 4.17 18.63 -18.33
N HIS A 314 3.64 18.43 -17.13
CA HIS A 314 4.41 18.75 -15.94
C HIS A 314 5.61 17.82 -15.80
N LEU A 315 5.41 16.54 -16.11
CA LEU A 315 6.51 15.58 -16.07
C LEU A 315 7.62 15.98 -17.02
N LEU A 316 7.26 16.39 -18.24
CA LEU A 316 8.28 16.77 -19.22
C LEU A 316 9.05 18.00 -18.75
N LYS A 317 8.36 19.00 -18.18
CA LYS A 317 9.08 20.17 -17.70
C LYS A 317 10.02 19.80 -16.56
N LYS A 318 9.55 18.97 -15.62
CA LYS A 318 10.43 18.55 -14.53
C LYS A 318 11.59 17.71 -15.04
N PHE A 319 11.34 16.87 -16.06
CA PHE A 319 12.40 16.03 -16.61
C PHE A 319 13.48 16.87 -17.27
N LYS A 320 13.06 17.86 -18.08
CA LYS A 320 14.05 18.73 -18.72
C LYS A 320 14.84 19.52 -17.69
N GLU A 321 14.16 20.00 -16.65
CA GLU A 321 14.87 20.71 -15.59
C GLU A 321 15.84 19.78 -14.87
N GLY A 322 15.45 18.51 -14.68
CA GLY A 322 16.34 17.56 -14.04
C GLY A 322 17.56 17.22 -14.87
N VAL A 323 17.40 17.15 -16.19
CA VAL A 323 18.53 16.85 -17.07
C VAL A 323 19.53 17.99 -17.04
N GLU A 324 19.06 19.23 -16.99
CA GLU A 324 19.97 20.38 -16.92
C GLU A 324 20.67 20.45 -15.57
N SER A 325 21.26 19.34 -15.14
CA SER A 325 22.03 19.24 -13.90
C SER A 325 21.30 19.83 -12.70
#